data_9HF7
#
_entry.id   9HF7
#
_cell.length_a   85.006
_cell.length_b   85.006
_cell.length_c   91.285
_cell.angle_alpha   90.00
_cell.angle_beta   90.00
_cell.angle_gamma   120.00
#
_symmetry.space_group_name_H-M   'P 31 2 1'
#
loop_
_entity.id
_entity.type
_entity.pdbx_description
1 polymer 'Telomeric repeat-binding factor 1'
2 non-polymer GLYCEROL
3 non-polymer N-(4-methyl-1,3-thiazol-2-yl)propanamide
4 non-polymer 'DIMETHYL SULFOXIDE'
5 water water
#
_entity_poly.entity_id   1
_entity_poly.type   'polypeptide(L)'
_entity_poly.pdbx_seq_one_letter_code
;SNAQVQVGAPEEEEEEEEDAGLVAEAEAVAAGWMLDFLCLSLCRAFRDGRSEDFRRTRNSAEAIIHGLSSLTACQLRTIY
ICQFLTRIAAGKTLDAQFENDERITPLESALMIWGSIEKEHDKLHEEIQNLIKIQAIAVCMENGNFKEAEEVFERIFGDP
NSHMPFKSKLLMIISQKDTFHSFFQHFSYNHMMEKIKSYVNYVLSEKSSTFLMKAAAKVVESKR
;
_entity_poly.pdbx_strand_id   A
#
# COMPACT_ATOMS: atom_id res chain seq x y z
N GLU A 17 -30.56 -10.28 -30.87
CA GLU A 17 -31.17 -9.23 -30.07
C GLU A 17 -30.15 -8.56 -29.12
N GLU A 18 -29.26 -9.37 -28.51
CA GLU A 18 -28.26 -8.86 -27.57
C GLU A 18 -26.97 -8.47 -28.26
N ASP A 19 -26.47 -7.25 -27.99
CA ASP A 19 -25.23 -6.80 -28.59
C ASP A 19 -24.08 -7.15 -27.66
N ALA A 20 -23.23 -8.09 -28.08
CA ALA A 20 -22.10 -8.56 -27.29
C ALA A 20 -21.13 -7.45 -26.88
N GLY A 21 -20.89 -6.49 -27.77
CA GLY A 21 -20.01 -5.36 -27.49
C GLY A 21 -20.56 -4.42 -26.44
N LEU A 22 -21.88 -4.20 -26.44
CA LEU A 22 -22.54 -3.36 -25.46
C LEU A 22 -22.60 -4.04 -24.09
N VAL A 23 -22.79 -5.38 -24.09
CA VAL A 23 -22.79 -6.20 -22.89
C VAL A 23 -21.39 -6.18 -22.29
N ALA A 24 -20.35 -6.33 -23.12
CA ALA A 24 -18.96 -6.28 -22.66
C ALA A 24 -18.65 -4.90 -22.07
N GLU A 25 -19.20 -3.83 -22.67
CA GLU A 25 -19.02 -2.46 -22.17
C GLU A 25 -19.67 -2.28 -20.80
N ALA A 26 -20.88 -2.87 -20.60
CA ALA A 26 -21.57 -2.84 -19.31
C ALA A 26 -20.71 -3.56 -18.25
N GLU A 27 -20.09 -4.68 -18.62
CA GLU A 27 -19.22 -5.42 -17.73
C GLU A 27 -17.96 -4.65 -17.35
N ALA A 28 -17.45 -3.84 -18.26
CA ALA A 28 -16.26 -3.02 -18.00
C ALA A 28 -16.61 -1.84 -17.08
N VAL A 29 -17.85 -1.28 -17.20
CA VAL A 29 -18.35 -0.21 -16.34
C VAL A 29 -18.45 -0.77 -14.91
N ALA A 30 -19.10 -1.95 -14.77
CA ALA A 30 -19.30 -2.63 -13.50
C ALA A 30 -18.00 -3.04 -12.89
N ALA A 31 -17.02 -3.47 -13.70
CA ALA A 31 -15.68 -3.83 -13.21
C ALA A 31 -15.02 -2.59 -12.57
N GLY A 32 -15.16 -1.43 -13.21
CA GLY A 32 -14.63 -0.16 -12.73
C GLY A 32 -15.27 0.24 -11.41
N TRP A 33 -16.58 -0.03 -11.27
CA TRP A 33 -17.35 0.24 -10.05
C TRP A 33 -16.88 -0.69 -8.92
N MET A 34 -16.67 -1.97 -9.23
CA MET A 34 -16.21 -2.96 -8.27
C MET A 34 -14.78 -2.62 -7.80
N LEU A 35 -13.91 -2.18 -8.71
CA LEU A 35 -12.54 -1.82 -8.37
C LEU A 35 -12.53 -0.66 -7.36
N ASP A 36 -13.30 0.40 -7.62
CA ASP A 36 -13.37 1.54 -6.73
C ASP A 36 -13.93 1.15 -5.37
N PHE A 37 -14.98 0.33 -5.34
CA PHE A 37 -15.58 -0.13 -4.10
C PHE A 37 -14.55 -0.94 -3.29
N LEU A 38 -13.85 -1.87 -3.94
CA LEU A 38 -12.86 -2.72 -3.30
C LEU A 38 -11.64 -1.94 -2.80
N CYS A 39 -11.24 -0.86 -3.50
CA CYS A 39 -10.13 -0.03 -3.02
C CYS A 39 -10.56 0.66 -1.70
N LEU A 40 -11.77 1.24 -1.70
CA LEU A 40 -12.29 1.92 -0.49
C LEU A 40 -12.34 0.92 0.67
N SER A 41 -12.80 -0.30 0.39
CA SER A 41 -12.91 -1.32 1.42
C SER A 41 -11.53 -1.80 1.89
N LEU A 42 -10.53 -1.81 1.00
CA LEU A 42 -9.16 -2.19 1.34
C LEU A 42 -8.54 -1.10 2.25
N CYS A 43 -8.81 0.18 1.93
CA CYS A 43 -8.33 1.34 2.67
C CYS A 43 -8.89 1.31 4.09
N ARG A 44 -10.22 1.07 4.24
CA ARG A 44 -10.87 0.99 5.52
C ARG A 44 -10.30 -0.12 6.40
N ALA A 45 -10.07 -1.31 5.82
CA ALA A 45 -9.50 -2.46 6.53
C ALA A 45 -8.09 -2.19 6.99
N PHE A 46 -7.31 -1.46 6.17
CA PHE A 46 -5.94 -1.08 6.50
C PHE A 46 -5.97 -0.08 7.66
N ARG A 47 -6.88 0.91 7.59
CA ARG A 47 -6.99 1.92 8.63
C ARG A 47 -7.45 1.31 9.96
N ASP A 48 -8.39 0.36 9.90
CA ASP A 48 -8.94 -0.32 11.07
C ASP A 48 -8.07 -1.44 11.62
N GLY A 49 -7.05 -1.88 10.88
CA GLY A 49 -6.21 -2.98 11.33
C GLY A 49 -6.89 -4.34 11.23
N ARG A 50 -7.91 -4.45 10.36
CA ARG A 50 -8.63 -5.70 10.15
C ARG A 50 -7.91 -6.54 9.09
N SER A 51 -6.82 -7.22 9.49
CA SER A 51 -5.95 -8.03 8.64
C SER A 51 -6.64 -9.08 7.76
N GLU A 52 -7.52 -9.92 8.35
CA GLU A 52 -8.21 -10.93 7.55
C GLU A 52 -9.12 -10.31 6.53
N ASP A 53 -9.78 -9.20 6.88
CA ASP A 53 -10.65 -8.45 5.98
C ASP A 53 -9.85 -7.82 4.84
N PHE A 54 -8.66 -7.30 5.16
CA PHE A 54 -7.75 -6.71 4.20
C PHE A 54 -7.32 -7.79 3.20
N ARG A 55 -6.93 -8.98 3.71
CA ARG A 55 -6.49 -10.10 2.88
C ARG A 55 -7.59 -10.59 1.93
N ARG A 56 -8.84 -10.60 2.40
CA ARG A 56 -9.96 -11.04 1.58
C ARG A 56 -10.32 -10.01 0.52
N THR A 57 -10.32 -8.72 0.89
CA THR A 57 -10.61 -7.63 -0.04
C THR A 57 -9.50 -7.51 -1.09
N ARG A 58 -8.24 -7.74 -0.71
CA ARG A 58 -7.11 -7.71 -1.61
C ARG A 58 -7.27 -8.81 -2.64
N ASN A 59 -7.65 -10.02 -2.20
CA ASN A 59 -7.82 -11.14 -3.12
C ASN A 59 -8.94 -10.86 -4.12
N SER A 60 -10.04 -10.25 -3.65
CA SER A 60 -11.16 -9.86 -4.49
C SER A 60 -10.74 -8.78 -5.50
N ALA A 61 -10.00 -7.76 -5.06
CA ALA A 61 -9.59 -6.67 -5.94
C ALA A 61 -8.60 -7.17 -6.97
N GLU A 62 -7.64 -8.05 -6.58
CA GLU A 62 -6.67 -8.62 -7.53
C GLU A 62 -7.39 -9.39 -8.62
N ALA A 63 -8.44 -10.14 -8.26
CA ALA A 63 -9.21 -10.91 -9.22
C ALA A 63 -9.98 -9.97 -10.16
N ILE A 64 -10.64 -8.94 -9.64
CA ILE A 64 -11.40 -8.01 -10.45
C ILE A 64 -10.49 -7.25 -11.41
N ILE A 65 -9.32 -6.81 -10.95
CA ILE A 65 -8.31 -6.12 -11.76
C ILE A 65 -7.87 -7.00 -12.94
N HIS A 66 -7.84 -8.34 -12.74
CA HIS A 66 -7.53 -9.31 -13.79
C HIS A 66 -8.56 -9.30 -14.92
N GLY A 67 -9.78 -8.94 -14.61
CA GLY A 67 -10.83 -8.83 -15.61
C GLY A 67 -10.78 -7.55 -16.42
N LEU A 68 -9.77 -6.70 -16.20
CA LEU A 68 -9.62 -5.44 -16.94
C LEU A 68 -8.33 -5.43 -17.75
N SER A 69 -8.38 -5.10 -19.04
CA SER A 69 -7.17 -5.05 -19.87
C SER A 69 -6.74 -3.62 -20.22
N SER A 70 -7.65 -2.66 -20.13
CA SER A 70 -7.35 -1.26 -20.39
C SER A 70 -7.77 -0.46 -19.17
N LEU A 71 -6.86 0.34 -18.61
CA LEU A 71 -7.19 1.14 -17.43
C LEU A 71 -6.95 2.63 -17.68
N THR A 72 -7.84 3.50 -17.17
CA THR A 72 -7.67 4.94 -17.29
C THR A 72 -6.59 5.42 -16.30
N ALA A 73 -6.18 6.71 -16.38
CA ALA A 73 -5.21 7.27 -15.44
C ALA A 73 -5.67 7.11 -13.96
N CYS A 74 -6.98 7.35 -13.70
N CYS A 74 -6.97 7.35 -13.70
CA CYS A 74 -7.59 7.22 -12.36
CA CYS A 74 -7.54 7.23 -12.36
C CYS A 74 -7.54 5.79 -11.89
C CYS A 74 -7.61 5.79 -11.87
N GLN A 75 -7.84 4.84 -12.78
CA GLN A 75 -7.87 3.40 -12.43
C GLN A 75 -6.47 2.88 -12.18
N LEU A 76 -5.46 3.39 -12.89
CA LEU A 76 -4.07 2.97 -12.64
C LEU A 76 -3.67 3.46 -11.24
N ARG A 77 -4.04 4.70 -10.88
CA ARG A 77 -3.76 5.24 -9.56
C ARG A 77 -4.40 4.37 -8.45
N THR A 78 -5.64 3.91 -8.67
CA THR A 78 -6.38 3.03 -7.75
C THR A 78 -5.71 1.67 -7.55
N ILE A 79 -5.26 1.02 -8.64
CA ILE A 79 -4.61 -0.29 -8.50
C ILE A 79 -3.22 -0.13 -7.85
N TYR A 80 -2.51 0.99 -8.10
CA TYR A 80 -1.20 1.20 -7.47
C TYR A 80 -1.31 1.54 -6.00
N ILE A 81 -2.41 2.18 -5.57
CA ILE A 81 -2.64 2.42 -4.15
C ILE A 81 -2.91 1.06 -3.46
N CYS A 82 -3.67 0.16 -4.11
CA CYS A 82 -3.94 -1.16 -3.57
C CYS A 82 -2.68 -1.99 -3.45
N GLN A 83 -1.78 -1.93 -4.47
CA GLN A 83 -0.50 -2.65 -4.52
C GLN A 83 0.41 -2.14 -3.41
N PHE A 84 0.52 -0.80 -3.29
CA PHE A 84 1.29 -0.14 -2.23
C PHE A 84 0.83 -0.63 -0.84
N LEU A 85 -0.48 -0.55 -0.54
CA LEU A 85 -0.98 -0.96 0.77
C LEU A 85 -0.74 -2.43 1.09
N THR A 86 -0.76 -3.27 0.05
CA THR A 86 -0.53 -4.72 0.12
C THR A 86 0.89 -4.99 0.57
N ARG A 87 1.87 -4.28 -0.03
CA ARG A 87 3.29 -4.41 0.33
C ARG A 87 3.52 -3.91 1.74
N ILE A 88 2.94 -2.74 2.09
CA ILE A 88 3.06 -2.21 3.45
C ILE A 88 2.51 -3.21 4.47
N ALA A 89 1.33 -3.81 4.20
CA ALA A 89 0.73 -4.82 5.09
C ALA A 89 1.61 -6.07 5.21
N ALA A 90 2.34 -6.41 4.16
CA ALA A 90 3.25 -7.55 4.18
C ALA A 90 4.66 -7.20 4.69
N GLY A 91 4.89 -5.95 5.07
CA GLY A 91 6.15 -5.39 5.54
C GLY A 91 6.98 -6.24 6.46
N LYS A 92 6.37 -6.78 7.53
CA LYS A 92 7.12 -7.60 8.49
C LYS A 92 7.14 -9.09 8.16
N THR A 93 6.51 -9.50 7.03
CA THR A 93 6.47 -10.89 6.62
C THR A 93 7.67 -11.24 5.75
N ALA A 96 8.51 -15.01 1.15
CA ALA A 96 9.57 -15.92 0.65
C ALA A 96 9.55 -15.95 -0.88
N GLN A 97 8.43 -16.35 -1.47
CA GLN A 97 8.31 -16.43 -2.95
C GLN A 97 8.48 -15.03 -3.54
N PHE A 98 7.99 -14.00 -2.84
CA PHE A 98 8.12 -12.60 -3.31
C PHE A 98 9.60 -12.26 -3.44
N GLU A 99 10.39 -12.68 -2.44
CA GLU A 99 11.84 -12.39 -2.44
C GLU A 99 12.54 -13.25 -3.50
N ASN A 100 11.83 -14.23 -4.06
CA ASN A 100 12.40 -15.04 -5.17
C ASN A 100 11.87 -14.47 -6.49
N ASP A 101 10.62 -14.00 -6.47
CA ASP A 101 9.99 -13.41 -7.69
C ASP A 101 10.56 -12.02 -7.94
N GLU A 102 10.56 -11.15 -6.92
CA GLU A 102 11.03 -9.75 -7.11
C GLU A 102 12.47 -9.60 -6.58
N ARG A 103 12.93 -10.52 -5.74
CA ARG A 103 14.32 -10.49 -5.21
C ARG A 103 14.50 -9.27 -4.29
N ILE A 104 13.40 -8.69 -3.81
CA ILE A 104 13.47 -7.51 -2.89
C ILE A 104 12.49 -7.75 -1.73
N THR A 105 12.51 -6.87 -0.73
CA THR A 105 11.61 -7.00 0.43
C THR A 105 10.33 -6.24 0.16
N PRO A 106 9.18 -6.65 0.74
CA PRO A 106 7.88 -5.95 0.56
C PRO A 106 8.04 -4.43 0.71
N LEU A 107 8.73 -3.97 1.75
CA LEU A 107 8.86 -2.53 1.98
C LEU A 107 9.66 -1.87 0.88
N GLU A 108 10.66 -2.53 0.32
CA GLU A 108 11.39 -1.98 -0.85
C GLU A 108 10.47 -1.93 -2.08
N SER A 109 9.61 -2.91 -2.24
CA SER A 109 8.65 -2.95 -3.33
C SER A 109 7.61 -1.83 -3.17
N ALA A 110 7.19 -1.55 -1.93
CA ALA A 110 6.28 -0.47 -1.61
C ALA A 110 6.93 0.88 -1.94
N LEU A 111 8.22 1.03 -1.68
CA LEU A 111 8.98 2.23 -1.97
C LEU A 111 9.01 2.49 -3.47
N MET A 112 9.12 1.41 -4.29
CA MET A 112 9.13 1.53 -5.75
C MET A 112 7.78 1.98 -6.28
N ILE A 113 6.70 1.48 -5.70
CA ILE A 113 5.36 1.88 -6.13
C ILE A 113 5.12 3.30 -5.69
N TRP A 114 5.45 3.64 -4.44
CA TRP A 114 5.29 4.98 -3.88
C TRP A 114 5.94 6.06 -4.72
N GLY A 115 7.15 5.82 -5.19
CA GLY A 115 7.86 6.80 -6.00
C GLY A 115 7.45 6.86 -7.45
N SER A 116 6.52 5.99 -7.88
CA SER A 116 6.06 5.99 -9.28
C SER A 116 4.55 6.25 -9.41
N ILE A 117 3.79 6.33 -8.30
CA ILE A 117 2.36 6.64 -8.37
C ILE A 117 2.22 8.08 -8.87
N GLU A 118 1.26 8.36 -9.77
CA GLU A 118 1.04 9.72 -10.25
C GLU A 118 0.33 10.54 -9.17
N LYS A 119 1.11 11.09 -8.26
CA LYS A 119 0.64 11.87 -7.11
C LYS A 119 1.64 13.00 -6.77
N GLU A 120 1.25 13.92 -5.85
CA GLU A 120 2.13 15.05 -5.52
C GLU A 120 3.19 14.68 -4.51
N HIS A 121 4.42 15.14 -4.76
CA HIS A 121 5.54 14.89 -3.85
C HIS A 121 5.61 16.05 -2.85
N ASP A 122 4.65 16.04 -1.93
CA ASP A 122 4.51 17.04 -0.88
C ASP A 122 5.30 16.63 0.40
N LYS A 123 5.09 17.32 1.54
CA LYS A 123 5.76 17.01 2.79
C LYS A 123 5.38 15.61 3.24
N LEU A 124 4.08 15.25 3.15
CA LEU A 124 3.59 13.92 3.55
C LEU A 124 4.19 12.80 2.70
N HIS A 125 4.33 13.01 1.38
CA HIS A 125 4.93 12.00 0.50
C HIS A 125 6.38 11.76 0.89
N GLU A 126 7.15 12.82 1.14
CA GLU A 126 8.56 12.69 1.52
C GLU A 126 8.69 12.05 2.90
N GLU A 127 7.77 12.35 3.82
CA GLU A 127 7.77 11.76 5.17
C GLU A 127 7.57 10.24 5.10
N ILE A 128 6.53 9.78 4.37
CA ILE A 128 6.22 8.37 4.18
C ILE A 128 7.39 7.67 3.47
N GLN A 129 7.95 8.29 2.43
CA GLN A 129 9.08 7.74 1.71
C GLN A 129 10.28 7.47 2.63
N ASN A 130 10.66 8.45 3.45
CA ASN A 130 11.77 8.32 4.38
C ASN A 130 11.52 7.32 5.50
N LEU A 131 10.28 7.22 6.01
CA LEU A 131 9.95 6.21 7.02
C LEU A 131 10.03 4.81 6.41
N ILE A 132 9.60 4.64 5.15
CA ILE A 132 9.66 3.33 4.47
C ILE A 132 11.11 2.92 4.26
N LYS A 133 11.98 3.86 3.77
CA LYS A 133 13.39 3.60 3.53
C LYS A 133 14.08 3.06 4.79
N ILE A 134 13.78 3.66 5.94
CA ILE A 134 14.42 3.24 7.23
C ILE A 134 13.78 1.93 7.71
N GLN A 135 12.44 1.87 7.71
CA GLN A 135 11.74 0.67 8.16
C GLN A 135 12.06 -0.56 7.31
N ALA A 136 12.47 -0.39 6.04
CA ALA A 136 12.83 -1.54 5.20
C ALA A 136 14.09 -2.24 5.78
N ILE A 137 14.99 -1.47 6.39
CA ILE A 137 16.17 -1.97 7.06
C ILE A 137 15.75 -2.49 8.46
N ALA A 138 15.01 -1.69 9.23
CA ALA A 138 14.62 -2.06 10.58
C ALA A 138 13.80 -3.33 10.70
N VAL A 139 12.89 -3.63 9.75
CA VAL A 139 12.08 -4.85 9.89
C VAL A 139 12.97 -6.11 9.79
N CYS A 140 14.10 -6.05 9.06
CA CYS A 140 15.05 -7.16 8.92
C CYS A 140 15.79 -7.37 10.21
N MET A 141 16.20 -6.30 10.88
CA MET A 141 16.87 -6.36 12.16
C MET A 141 15.92 -6.90 13.24
N GLU A 142 14.65 -6.48 13.20
CA GLU A 142 13.62 -6.94 14.12
C GLU A 142 13.46 -8.47 14.01
N ASN A 143 13.52 -8.99 12.76
CA ASN A 143 13.44 -10.42 12.45
C ASN A 143 14.78 -11.19 12.64
N GLY A 144 15.85 -10.50 13.05
CA GLY A 144 17.15 -11.12 13.27
C GLY A 144 17.99 -11.40 12.05
N ASN A 145 17.57 -10.86 10.89
N ASN A 145 17.58 -10.88 10.87
CA ASN A 145 18.27 -11.03 9.61
CA ASN A 145 18.35 -11.10 9.64
C ASN A 145 19.13 -9.80 9.35
C ASN A 145 19.16 -9.84 9.33
N PHE A 146 20.32 -9.74 9.96
CA PHE A 146 21.20 -8.59 9.83
C PHE A 146 21.98 -8.56 8.52
N LYS A 147 22.23 -9.72 7.90
CA LYS A 147 22.86 -9.74 6.58
C LYS A 147 21.84 -9.15 5.56
N GLU A 148 20.54 -9.47 5.72
CA GLU A 148 19.49 -8.95 4.85
C GLU A 148 19.33 -7.46 5.05
N ALA A 149 19.46 -6.96 6.29
CA ALA A 149 19.36 -5.54 6.61
C ALA A 149 20.43 -4.75 5.86
N GLU A 150 21.65 -5.31 5.76
CA GLU A 150 22.78 -4.73 5.02
C GLU A 150 22.52 -4.79 3.52
N GLU A 151 21.89 -5.86 3.04
CA GLU A 151 21.56 -6.01 1.62
C GLU A 151 20.51 -4.99 1.19
N VAL A 152 19.52 -4.76 2.06
CA VAL A 152 18.44 -3.78 1.85
C VAL A 152 19.07 -2.38 1.84
N PHE A 153 19.94 -2.10 2.81
CA PHE A 153 20.65 -0.82 2.90
C PHE A 153 21.43 -0.52 1.62
N GLU A 154 22.14 -1.52 1.08
CA GLU A 154 22.93 -1.38 -0.12
C GLU A 154 22.07 -1.11 -1.34
N ARG A 155 20.88 -1.72 -1.42
CA ARG A 155 19.99 -1.51 -2.55
C ARG A 155 19.33 -0.12 -2.52
N ILE A 156 19.03 0.41 -1.32
CA ILE A 156 18.37 1.71 -1.16
C ILE A 156 19.37 2.88 -1.13
N PHE A 157 20.49 2.72 -0.42
CA PHE A 157 21.48 3.78 -0.23
C PHE A 157 22.84 3.49 -0.88
N GLY A 158 22.84 2.89 -2.06
CA MET A 164 27.81 10.09 3.06
C MET A 164 28.00 9.80 4.57
N PRO A 165 27.98 10.83 5.44
CA PRO A 165 28.10 10.62 6.92
C PRO A 165 26.90 9.85 7.46
N PHE A 166 25.69 10.24 7.06
CA PHE A 166 24.46 9.57 7.55
C PHE A 166 24.46 8.10 7.13
N LYS A 167 24.82 7.84 5.88
CA LYS A 167 24.77 6.45 5.36
C LYS A 167 25.73 5.58 6.19
N SER A 168 26.89 6.13 6.54
N SER A 168 26.88 6.14 6.54
CA SER A 168 27.88 5.38 7.35
CA SER A 168 27.88 5.38 7.35
C SER A 168 27.28 5.09 8.74
C SER A 168 27.28 5.09 8.74
N LYS A 169 26.60 6.09 9.32
CA LYS A 169 25.97 5.90 10.65
C LYS A 169 24.96 4.76 10.58
N LEU A 170 24.08 4.78 9.58
CA LEU A 170 23.04 3.72 9.45
C LEU A 170 23.74 2.36 9.31
N LEU A 171 24.81 2.29 8.51
CA LEU A 171 25.52 1.00 8.31
C LEU A 171 26.12 0.53 9.64
N MET A 172 26.65 1.47 10.42
CA MET A 172 27.23 1.12 11.74
C MET A 172 26.13 0.56 12.66
N ILE A 173 24.98 1.23 12.70
CA ILE A 173 23.83 0.74 13.52
C ILE A 173 23.50 -0.70 13.11
N ILE A 174 23.32 -0.95 11.81
CA ILE A 174 22.99 -2.29 11.32
C ILE A 174 24.07 -3.26 11.76
N SER A 175 25.35 -2.87 11.55
CA SER A 175 26.53 -3.64 11.86
C SER A 175 26.70 -3.95 13.34
N GLN A 176 26.27 -3.02 14.19
CA GLN A 176 26.37 -3.21 15.63
C GLN A 176 25.07 -3.80 16.23
N LYS A 177 24.10 -4.21 15.39
CA LYS A 177 22.82 -4.76 15.81
C LYS A 177 22.13 -3.86 16.82
N ASP A 178 22.19 -2.56 16.55
CA ASP A 178 21.64 -1.51 17.42
C ASP A 178 20.20 -1.21 17.00
N THR A 179 19.36 -2.25 17.06
CA THR A 179 17.96 -2.20 16.66
C THR A 179 17.18 -1.13 17.37
N PHE A 180 17.53 -0.86 18.62
CA PHE A 180 16.79 0.12 19.42
C PHE A 180 17.49 1.46 19.52
N HIS A 181 18.33 1.82 18.52
CA HIS A 181 19.00 3.13 18.43
C HIS A 181 17.92 4.22 18.40
N SER A 182 18.18 5.41 19.01
CA SER A 182 17.17 6.47 19.06
C SER A 182 16.62 6.85 17.69
N PHE A 183 17.43 6.68 16.62
CA PHE A 183 17.08 6.95 15.22
C PHE A 183 15.95 6.07 14.77
N PHE A 184 16.02 4.77 15.07
CA PHE A 184 14.98 3.80 14.72
C PHE A 184 13.73 3.99 15.53
N GLN A 185 13.84 4.59 16.73
CA GLN A 185 12.68 4.88 17.54
C GLN A 185 11.96 6.12 16.96
N HIS A 186 12.69 7.09 16.39
CA HIS A 186 12.07 8.24 15.76
C HIS A 186 11.47 7.83 14.39
N PHE A 187 12.18 6.99 13.62
CA PHE A 187 11.69 6.55 12.32
C PHE A 187 11.18 5.13 12.51
N SER A 188 10.20 4.99 13.40
CA SER A 188 9.66 3.71 13.80
C SER A 188 8.60 3.15 12.86
N TYR A 189 8.20 1.88 13.10
CA TYR A 189 7.20 1.18 12.34
C TYR A 189 5.87 1.85 12.60
N ASN A 190 5.54 2.11 13.88
CA ASN A 190 4.31 2.78 14.28
C ASN A 190 4.18 4.14 13.62
N HIS A 191 5.27 4.92 13.55
CA HIS A 191 5.24 6.24 12.90
C HIS A 191 5.01 6.10 11.42
N MET A 192 5.61 5.08 10.79
CA MET A 192 5.43 4.81 9.36
C MET A 192 3.93 4.51 9.12
N MET A 193 3.37 3.59 9.92
CA MET A 193 1.98 3.22 9.85
C MET A 193 1.04 4.40 10.07
N GLU A 194 1.31 5.27 11.06
CA GLU A 194 0.48 6.46 11.30
C GLU A 194 0.50 7.41 10.12
N LYS A 195 1.67 7.61 9.50
CA LYS A 195 1.78 8.50 8.35
C LYS A 195 1.09 7.91 7.14
N ILE A 196 1.17 6.59 6.94
CA ILE A 196 0.51 5.94 5.82
C ILE A 196 -0.99 5.98 6.04
N LYS A 197 -1.46 5.71 7.27
CA LYS A 197 -2.88 5.77 7.60
C LYS A 197 -3.47 7.17 7.38
N SER A 198 -2.66 8.22 7.55
N SER A 198 -2.64 8.22 7.55
CA SER A 198 -3.08 9.60 7.30
CA SER A 198 -3.02 9.62 7.33
C SER A 198 -3.28 9.84 5.81
C SER A 198 -3.25 9.84 5.83
N TYR A 199 -2.41 9.25 4.98
CA TYR A 199 -2.54 9.35 3.54
C TYR A 199 -3.81 8.58 3.10
N VAL A 200 -3.99 7.38 3.65
CA VAL A 200 -5.13 6.52 3.36
C VAL A 200 -6.44 7.23 3.65
N ASN A 201 -6.48 8.08 4.71
CA ASN A 201 -7.65 8.87 5.07
C ASN A 201 -8.07 9.83 3.95
N TYR A 202 -7.11 10.36 3.17
CA TYR A 202 -7.44 11.26 2.06
C TYR A 202 -8.08 10.43 0.94
N VAL A 203 -7.48 9.26 0.62
CA VAL A 203 -7.98 8.33 -0.40
C VAL A 203 -9.37 7.84 -0.02
N LEU A 204 -9.56 7.50 1.24
CA LEU A 204 -10.81 7.01 1.83
C LEU A 204 -11.92 8.05 1.62
N SER A 205 -11.63 9.34 1.90
N SER A 205 -11.62 9.34 1.89
CA SER A 205 -12.61 10.41 1.74
CA SER A 205 -12.59 10.42 1.69
C SER A 205 -12.92 10.70 0.26
C SER A 205 -12.86 10.67 0.20
N GLU A 206 -11.93 10.51 -0.63
N GLU A 206 -11.83 10.50 -0.66
CA GLU A 206 -12.09 10.75 -2.06
CA GLU A 206 -11.94 10.69 -2.11
C GLU A 206 -13.00 9.70 -2.68
C GLU A 206 -12.88 9.68 -2.76
N LYS A 207 -12.82 8.42 -2.30
CA LYS A 207 -13.63 7.34 -2.84
C LYS A 207 -14.85 6.98 -1.99
N SER A 208 -15.07 7.68 -0.85
CA SER A 208 -16.23 7.46 0.04
C SER A 208 -17.58 7.63 -0.68
N SER A 209 -17.58 8.32 -1.82
CA SER A 209 -18.78 8.62 -2.59
C SER A 209 -18.85 7.88 -3.93
N THR A 210 -18.11 6.77 -4.09
CA THR A 210 -18.19 6.00 -5.34
C THR A 210 -19.56 5.33 -5.48
N PHE A 211 -19.97 5.07 -6.73
CA PHE A 211 -21.27 4.51 -7.05
C PHE A 211 -21.71 3.32 -6.18
N LEU A 212 -20.88 2.28 -6.08
CA LEU A 212 -21.26 1.08 -5.36
C LEU A 212 -21.52 1.30 -3.89
N MET A 213 -20.64 2.03 -3.20
CA MET A 213 -20.79 2.29 -1.78
C MET A 213 -21.94 3.25 -1.51
N LYS A 214 -22.13 4.24 -2.39
CA LYS A 214 -23.20 5.21 -2.25
C LYS A 214 -24.55 4.50 -2.40
N ALA A 215 -24.67 3.59 -3.38
CA ALA A 215 -25.92 2.86 -3.58
C ALA A 215 -26.16 1.84 -2.48
N ALA A 216 -25.09 1.20 -2.00
CA ALA A 216 -25.22 0.21 -0.92
C ALA A 216 -25.60 0.85 0.38
N ALA A 217 -25.02 2.03 0.71
CA ALA A 217 -25.35 2.74 1.93
C ALA A 217 -26.80 3.13 1.94
N LYS A 218 -27.34 3.58 0.78
CA LYS A 218 -28.75 3.97 0.66
C LYS A 218 -29.69 2.82 1.01
N VAL A 219 -29.36 1.59 0.58
CA VAL A 219 -30.15 0.40 0.88
C VAL A 219 -30.18 0.13 2.38
N VAL A 220 -29.00 0.17 3.04
CA VAL A 220 -28.88 -0.02 4.48
C VAL A 220 -29.66 1.04 5.29
N GLU A 221 -29.50 2.33 4.94
CA GLU A 221 -30.21 3.41 5.61
C GLU A 221 -31.73 3.32 5.40
N SER A 222 -32.17 2.78 4.24
N SER A 222 -32.18 2.79 4.25
CA SER A 222 -33.60 2.60 3.95
CA SER A 222 -33.60 2.62 3.98
C SER A 222 -34.24 1.58 4.90
C SER A 222 -34.25 1.55 4.88
N LYS A 223 -33.46 0.59 5.36
CA LYS A 223 -33.95 -0.46 6.28
C LYS A 223 -33.91 0.04 7.74
N ARG A 224 -34.52 1.20 8.01
CA ARG A 224 -34.53 1.78 9.35
#